data_1FD0
#
_entry.id   1FD0
#
_cell.length_a   59.789
_cell.length_b   59.789
_cell.length_c   155.688
_cell.angle_alpha   90.00
_cell.angle_beta   90.00
_cell.angle_gamma   90.00
#
_symmetry.space_group_name_H-M   'P 41 21 2'
#
loop_
_entity.id
_entity.type
_entity.pdbx_description
1 polymer 'RETINOIC ACID RECEPTOR GAMMA-1'
2 non-polymer '6-[HYDROXYIMINO-(5,5,8,8-TETRAMETHYL-5,6,7,8-TETRAHYDRO-NAPHTALEN-2-YL)-METHYL]-NAPHTALENE-2-CARBOXYLIC ACID'
3 non-polymer DODECYL-ALPHA-D-MALTOSIDE
4 water water
#
_entity_poly.entity_id   1
_entity_poly.type   'polypeptide(L)'
_entity_poly.pdbx_seq_one_letter_code
;SPQLEELITKVSKAHQETFPSLCQLGKYTTNSSADHRVQLDLGLWDKFSELATKCIIKIVEFAKRLPGFTGLSIADQITL
LKAACLDILMLRICTRYTPEQDTMTFSDGLTLNRTQMHNAGFGPLTDLVFAFAGQLLPLEMDDTETGLLSAICLICGDRM
DLEEPEKVDKLQEPLLEALRLYARRRRPSQPYMFPRMLMKITDLRGISTKGAERAITLKMEIPGPMPPLIREMLE
;
_entity_poly.pdbx_strand_id   A
#
loop_
_chem_comp.id
_chem_comp.type
_chem_comp.name
_chem_comp.formula
254 non-polymer '6-[HYDROXYIMINO-(5,5,8,8-TETRAMETHYL-5,6,7,8-TETRAHYDRO-NAPHTALEN-2-YL)-METHYL]-NAPHTALENE-2-CARBOXYLIC ACID' 'C26 H27 N O3'
LMU D-saccharide DODECYL-ALPHA-D-MALTOSIDE 'C24 H46 O11'
#
# COMPACT_ATOMS: atom_id res chain seq x y z
N SER A 1 17.48 -0.33 -22.42
CA SER A 1 17.22 -1.77 -22.22
C SER A 1 18.18 -2.22 -21.09
N PRO A 2 19.48 -2.16 -21.02
CA PRO A 2 20.17 -2.53 -19.75
C PRO A 2 19.76 -1.62 -18.59
N GLN A 3 19.62 -0.32 -18.80
CA GLN A 3 19.16 0.58 -17.77
C GLN A 3 17.74 0.29 -17.27
N LEU A 4 16.86 -0.11 -18.18
CA LEU A 4 15.53 -0.53 -17.74
C LEU A 4 15.53 -1.81 -16.90
N GLU A 5 16.38 -2.77 -17.29
CA GLU A 5 16.50 -3.98 -16.48
C GLU A 5 17.01 -3.68 -15.11
N GLU A 6 17.98 -2.75 -14.99
CA GLU A 6 18.49 -2.35 -13.67
C GLU A 6 17.40 -1.64 -12.83
N LEU A 7 16.57 -0.84 -13.51
CA LEU A 7 15.47 -0.21 -12.77
C LEU A 7 14.53 -1.23 -12.19
N ILE A 8 14.17 -2.26 -12.95
CA ILE A 8 13.26 -3.29 -12.46
C ILE A 8 13.83 -3.92 -11.19
N THR A 9 15.10 -4.30 -11.23
CA THR A 9 15.73 -5.00 -10.09
C THR A 9 15.83 -4.03 -8.93
N LYS A 10 16.18 -2.78 -9.15
CA LYS A 10 16.28 -1.83 -8.04
C LYS A 10 14.94 -1.64 -7.34
N VAL A 11 13.86 -1.48 -8.11
CA VAL A 11 12.55 -1.29 -7.50
C VAL A 11 12.09 -2.56 -6.79
N SER A 12 12.30 -3.71 -7.42
CA SER A 12 11.88 -4.95 -6.79
C SER A 12 12.58 -5.17 -5.44
N LYS A 13 13.89 -4.98 -5.44
CA LYS A 13 14.65 -5.13 -4.19
C LYS A 13 14.25 -4.11 -3.17
N ALA A 14 14.01 -2.85 -3.54
CA ALA A 14 13.54 -1.84 -2.59
C ALA A 14 12.22 -2.26 -1.94
N HIS A 15 11.28 -2.80 -2.74
CA HIS A 15 10.01 -3.28 -2.19
C HIS A 15 10.25 -4.44 -1.24
N GLN A 16 11.01 -5.45 -1.67
CA GLN A 16 11.17 -6.64 -0.83
C GLN A 16 11.85 -6.30 0.47
N GLU A 17 12.83 -5.41 0.42
CA GLU A 17 13.60 -5.08 1.65
C GLU A 17 12.90 -4.10 2.58
N THR A 18 11.74 -3.58 2.14
CA THR A 18 10.85 -2.80 3.00
C THR A 18 9.49 -3.44 3.21
N PHE A 19 9.29 -4.66 2.71
CA PHE A 19 7.99 -5.31 2.80
C PHE A 19 8.12 -6.81 2.69
N PRO A 20 8.27 -7.51 3.82
CA PRO A 20 8.38 -8.98 3.77
C PRO A 20 7.21 -9.65 3.06
N SER A 21 7.47 -10.78 2.40
CA SER A 21 6.36 -11.44 1.72
C SER A 21 5.61 -12.33 2.69
N LEU A 22 4.33 -12.59 2.39
CA LEU A 22 3.46 -13.44 3.20
C LEU A 22 4.19 -14.74 3.51
N CYS A 23 4.91 -15.26 2.51
CA CYS A 23 5.59 -16.55 2.59
C CYS A 23 6.69 -16.52 3.65
N GLN A 24 7.32 -15.38 3.85
CA GLN A 24 8.48 -15.18 4.68
C GLN A 24 8.12 -15.10 6.16
N LEU A 25 6.93 -14.59 6.47
CA LEU A 25 6.57 -14.22 7.81
C LEU A 25 6.04 -15.35 8.66
N GLY A 26 6.46 -15.34 9.91
CA GLY A 26 5.92 -16.30 10.91
C GLY A 26 4.66 -15.70 11.48
N LYS A 27 3.55 -16.33 11.10
CA LYS A 27 2.25 -15.82 11.47
C LYS A 27 2.01 -16.09 12.96
N TYR A 28 1.33 -15.13 13.57
CA TYR A 28 0.78 -15.35 14.93
C TYR A 28 -0.57 -14.64 15.00
N THR A 29 -1.35 -15.03 15.98
CA THR A 29 -2.71 -14.59 16.12
C THR A 29 -2.95 -13.93 17.47
N THR A 30 -4.15 -13.36 17.59
CA THR A 30 -4.63 -12.80 18.84
C THR A 30 -6.06 -13.26 19.08
N ASN A 31 -6.50 -13.36 20.35
CA ASN A 31 -7.89 -13.77 20.59
C ASN A 31 -8.72 -12.55 20.89
N SER A 32 -8.23 -11.33 20.66
CA SER A 32 -9.05 -10.16 20.96
C SER A 32 -10.20 -9.99 19.98
N SER A 33 -11.38 -9.77 20.52
CA SER A 33 -12.59 -9.44 19.80
C SER A 33 -12.71 -10.16 18.47
N ALA A 34 -12.61 -11.47 18.50
CA ALA A 34 -12.37 -12.28 17.33
C ALA A 34 -13.64 -12.81 16.66
N ASP A 35 -14.75 -12.88 17.39
CA ASP A 35 -15.97 -13.51 16.92
C ASP A 35 -17.10 -12.53 16.69
N HIS A 36 -17.05 -11.29 17.18
CA HIS A 36 -18.17 -10.36 16.89
C HIS A 36 -17.67 -8.95 16.58
N ARG A 37 -18.31 -8.28 15.61
CA ARG A 37 -17.91 -6.92 15.30
C ARG A 37 -18.36 -5.97 16.40
N VAL A 38 -17.48 -5.08 16.82
CA VAL A 38 -17.74 -3.99 17.73
C VAL A 38 -17.30 -2.66 17.13
N GLN A 39 -17.73 -1.53 17.69
CA GLN A 39 -17.31 -0.27 17.11
C GLN A 39 -15.81 -0.13 17.03
N LEU A 40 -15.08 -0.44 18.10
CA LEU A 40 -13.62 -0.39 18.13
C LEU A 40 -13.08 -1.16 19.32
N ASP A 41 -12.12 -2.01 19.08
CA ASP A 41 -11.39 -2.66 20.18
C ASP A 41 -10.09 -1.91 20.38
N LEU A 42 -9.89 -1.26 21.54
CA LEU A 42 -8.82 -0.31 21.67
C LEU A 42 -7.45 -1.00 21.77
N GLY A 43 -7.38 -2.22 22.24
CA GLY A 43 -6.13 -2.97 22.19
C GLY A 43 -5.73 -3.29 20.76
N LEU A 44 -6.68 -3.72 19.90
CA LEU A 44 -6.39 -3.89 18.50
C LEU A 44 -6.07 -2.56 17.81
N TRP A 45 -6.78 -1.50 18.10
CA TRP A 45 -6.39 -0.19 17.51
C TRP A 45 -4.98 0.18 17.88
N ASP A 46 -4.59 -0.06 19.17
CA ASP A 46 -3.23 0.34 19.57
C ASP A 46 -2.22 -0.43 18.75
N LYS A 47 -2.42 -1.72 18.60
CA LYS A 47 -1.44 -2.49 17.84
C LYS A 47 -1.46 -2.11 16.36
N PHE A 48 -2.66 -1.97 15.80
CA PHE A 48 -2.82 -1.63 14.37
C PHE A 48 -2.20 -0.32 14.00
N SER A 49 -2.43 0.70 14.82
CA SER A 49 -1.88 2.05 14.58
C SER A 49 -0.39 2.04 14.69
N GLU A 50 0.17 1.30 15.61
CA GLU A 50 1.64 1.15 15.70
C GLU A 50 2.20 0.53 14.44
N LEU A 51 1.55 -0.54 13.99
CA LEU A 51 2.01 -1.17 12.73
C LEU A 51 1.85 -0.27 11.54
N ALA A 52 0.80 0.53 11.49
CA ALA A 52 0.65 1.51 10.40
C ALA A 52 1.78 2.51 10.41
N THR A 53 2.14 3.08 11.57
CA THR A 53 3.26 3.99 11.65
C THR A 53 4.53 3.35 11.11
N LYS A 54 4.82 2.10 11.53
CA LYS A 54 6.04 1.44 11.07
C LYS A 54 6.03 1.26 9.58
N CYS A 55 4.89 0.93 9.00
CA CYS A 55 4.85 0.74 7.55
C CYS A 55 4.94 2.06 6.79
N ILE A 56 4.42 3.16 7.34
CA ILE A 56 4.63 4.45 6.74
C ILE A 56 6.13 4.72 6.61
N ILE A 57 6.90 4.48 7.65
CA ILE A 57 8.33 4.71 7.65
C ILE A 57 8.96 3.83 6.56
N LYS A 58 8.54 2.58 6.45
CA LYS A 58 9.02 1.67 5.41
C LYS A 58 8.66 2.18 4.02
N ILE A 59 7.49 2.79 3.84
CA ILE A 59 7.15 3.32 2.51
C ILE A 59 8.02 4.51 2.14
N VAL A 60 8.35 5.36 3.14
CA VAL A 60 9.29 6.44 2.94
C VAL A 60 10.66 5.89 2.53
N GLU A 61 11.15 4.87 3.21
CA GLU A 61 12.40 4.19 2.87
C GLU A 61 12.37 3.61 1.47
N PHE A 62 11.28 2.98 1.10
CA PHE A 62 11.10 2.47 -0.25
C PHE A 62 11.19 3.61 -1.27
N ALA A 63 10.46 4.68 -1.02
CA ALA A 63 10.42 5.83 -1.91
C ALA A 63 11.82 6.36 -2.17
N LYS A 64 12.61 6.49 -1.10
CA LYS A 64 13.94 7.05 -1.29
C LYS A 64 14.93 6.16 -2.06
N ARG A 65 14.57 4.89 -2.20
CA ARG A 65 15.33 3.98 -3.04
C ARG A 65 14.90 3.97 -4.49
N LEU A 66 13.82 4.66 -4.85
CA LEU A 66 13.37 4.70 -6.24
C LEU A 66 14.25 5.67 -7.00
N PRO A 67 14.87 5.23 -8.10
CA PRO A 67 15.69 6.12 -8.90
C PRO A 67 15.03 7.47 -9.19
N GLY A 68 15.81 8.49 -8.83
CA GLY A 68 15.42 9.87 -9.03
C GLY A 68 14.55 10.51 -7.98
N PHE A 69 13.99 9.74 -7.07
CA PHE A 69 13.05 10.34 -6.14
C PHE A 69 13.72 11.40 -5.28
N THR A 70 14.94 11.12 -4.77
CA THR A 70 15.59 12.12 -3.94
C THR A 70 16.17 13.29 -4.73
N GLY A 71 16.09 13.28 -6.06
CA GLY A 71 16.40 14.43 -6.89
C GLY A 71 15.23 15.39 -7.05
N LEU A 72 14.02 14.99 -6.64
CA LEU A 72 12.89 15.91 -6.54
C LEU A 72 13.14 16.85 -5.38
N SER A 73 12.46 18.00 -5.38
CA SER A 73 12.56 18.87 -4.21
C SER A 73 12.00 18.15 -2.97
N ILE A 74 12.55 18.50 -1.81
CA ILE A 74 12.06 17.88 -0.58
C ILE A 74 10.57 18.16 -0.44
N ALA A 75 10.08 19.34 -0.81
CA ALA A 75 8.65 19.59 -0.78
C ALA A 75 7.88 18.61 -1.66
N ASP A 76 8.34 18.38 -2.88
CA ASP A 76 7.65 17.45 -3.78
C ASP A 76 7.69 16.01 -3.24
N GLN A 77 8.80 15.58 -2.66
CA GLN A 77 8.92 14.28 -2.04
C GLN A 77 7.83 14.12 -1.00
N ILE A 78 7.69 15.12 -0.14
CA ILE A 78 6.68 15.11 0.94
C ILE A 78 5.28 15.17 0.34
N THR A 79 5.03 16.00 -0.64
CA THR A 79 3.71 16.03 -1.26
C THR A 79 3.31 14.68 -1.86
N LEU A 80 4.27 14.06 -2.59
CA LEU A 80 3.96 12.76 -3.17
C LEU A 80 3.67 11.70 -2.10
N LEU A 81 4.50 11.66 -1.06
CA LEU A 81 4.29 10.65 -0.01
C LEU A 81 2.96 10.88 0.67
N LYS A 82 2.62 12.12 1.03
CA LYS A 82 1.34 12.36 1.67
C LYS A 82 0.20 11.95 0.74
N ALA A 83 0.30 12.15 -0.55
CA ALA A 83 -0.80 11.87 -1.46
C ALA A 83 -0.94 10.38 -1.70
N ALA A 84 0.08 9.58 -1.62
CA ALA A 84 0.05 8.18 -2.00
C ALA A 84 0.19 7.18 -0.84
N CYS A 85 0.57 7.61 0.34
CA CYS A 85 0.90 6.63 1.36
CA CYS A 85 0.94 6.60 1.35
C CYS A 85 -0.26 5.70 1.68
N LEU A 86 -1.50 6.24 1.81
CA LEU A 86 -2.62 5.38 2.15
C LEU A 86 -2.94 4.42 1.01
N ASP A 87 -2.77 4.86 -0.23
CA ASP A 87 -2.93 3.98 -1.39
C ASP A 87 -1.96 2.79 -1.27
N ILE A 88 -0.71 3.06 -0.95
CA ILE A 88 0.30 2.03 -0.86
C ILE A 88 0.10 1.14 0.37
N LEU A 89 -0.30 1.71 1.49
CA LEU A 89 -0.71 0.94 2.66
C LEU A 89 -1.80 -0.06 2.27
N MET A 90 -2.84 0.41 1.60
CA MET A 90 -3.94 -0.44 1.18
C MET A 90 -3.43 -1.53 0.27
N LEU A 91 -2.62 -1.22 -0.73
CA LEU A 91 -2.12 -2.28 -1.61
C LEU A 91 -1.33 -3.30 -0.79
N ARG A 92 -0.44 -2.84 0.08
CA ARG A 92 0.41 -3.70 0.88
C ARG A 92 -0.43 -4.64 1.70
N ILE A 93 -1.39 -4.18 2.47
CA ILE A 93 -2.10 -5.10 3.36
C ILE A 93 -2.89 -6.09 2.52
N CYS A 94 -3.44 -5.62 1.38
CA CYS A 94 -4.25 -6.55 0.57
C CYS A 94 -3.41 -7.60 -0.14
N THR A 95 -2.10 -7.40 -0.34
CA THR A 95 -1.18 -8.43 -0.83
C THR A 95 -0.92 -9.47 0.25
N ARG A 96 -1.31 -9.20 1.49
CA ARG A 96 -1.07 -10.11 2.61
C ARG A 96 -2.36 -10.83 3.01
N TYR A 97 -3.29 -10.91 2.06
CA TYR A 97 -4.58 -11.62 2.25
C TYR A 97 -4.47 -13.10 2.03
N THR A 98 -4.95 -13.89 2.99
CA THR A 98 -5.02 -15.35 2.90
C THR A 98 -6.51 -15.74 2.78
N PRO A 99 -6.98 -16.04 1.55
CA PRO A 99 -8.41 -16.25 1.38
C PRO A 99 -8.93 -17.47 2.13
N GLU A 100 -8.17 -18.55 2.24
CA GLU A 100 -8.66 -19.73 2.92
C GLU A 100 -9.02 -19.42 4.36
N GLN A 101 -8.34 -18.51 5.01
CA GLN A 101 -8.58 -18.21 6.39
C GLN A 101 -9.26 -16.84 6.52
N ASP A 102 -9.47 -16.09 5.44
CA ASP A 102 -10.09 -14.77 5.51
C ASP A 102 -9.32 -13.85 6.47
N THR A 103 -7.99 -13.84 6.35
CA THR A 103 -7.11 -13.06 7.20
C THR A 103 -6.20 -12.11 6.41
N MET A 104 -5.70 -11.08 7.11
CA MET A 104 -4.58 -10.29 6.57
C MET A 104 -3.43 -10.32 7.58
N THR A 105 -2.21 -10.27 7.10
CA THR A 105 -1.00 -10.40 7.92
C THR A 105 -0.11 -9.17 7.81
N PHE A 106 0.26 -8.62 8.97
CA PHE A 106 1.12 -7.45 9.10
C PHE A 106 2.58 -7.87 9.13
N SER A 107 3.45 -6.87 9.11
CA SER A 107 4.88 -7.15 8.86
C SER A 107 5.60 -7.80 10.04
N ASP A 108 4.97 -7.80 11.20
CA ASP A 108 5.52 -8.54 12.36
C ASP A 108 4.93 -9.96 12.45
N GLY A 109 4.18 -10.36 11.44
CA GLY A 109 3.47 -11.61 11.38
C GLY A 109 2.08 -11.59 11.99
N LEU A 110 1.65 -10.52 12.63
CA LEU A 110 0.30 -10.49 13.23
C LEU A 110 -0.73 -10.77 12.15
N THR A 111 -1.54 -11.78 12.40
CA THR A 111 -2.55 -12.23 11.44
C THR A 111 -3.96 -12.08 12.01
N LEU A 112 -4.72 -11.13 11.45
CA LEU A 112 -6.05 -10.78 11.95
C LEU A 112 -7.13 -11.33 11.02
N ASN A 113 -8.19 -11.87 11.63
CA ASN A 113 -9.33 -12.24 10.78
C ASN A 113 -10.14 -11.01 10.42
N ARG A 114 -11.15 -11.18 9.58
CA ARG A 114 -11.93 -10.04 9.07
C ARG A 114 -12.61 -9.22 10.15
N THR A 115 -13.18 -9.93 11.12
CA THR A 115 -13.82 -9.27 12.26
C THR A 115 -12.79 -8.47 13.07
N GLN A 116 -11.58 -9.02 13.25
CA GLN A 116 -10.55 -8.27 13.96
C GLN A 116 -10.08 -7.08 13.13
N MET A 117 -9.93 -7.19 11.80
CA MET A 117 -9.63 -6.02 11.00
C MET A 117 -10.71 -4.97 11.20
N HIS A 118 -11.97 -5.37 11.19
CA HIS A 118 -13.05 -4.44 11.47
C HIS A 118 -12.83 -3.72 12.80
N ASN A 119 -12.55 -4.50 13.83
CA ASN A 119 -12.46 -4.07 15.24
C ASN A 119 -11.19 -3.29 15.50
N ALA A 120 -10.18 -3.43 14.65
CA ALA A 120 -8.94 -2.66 14.78
C ALA A 120 -9.04 -1.21 14.27
N GLY A 121 -10.07 -0.94 13.48
CA GLY A 121 -10.25 0.40 12.96
C GLY A 121 -10.90 0.53 11.63
N PHE A 122 -10.90 -0.55 10.81
CA PHE A 122 -11.51 -0.43 9.50
C PHE A 122 -13.00 -0.17 9.61
N GLY A 123 -13.67 -0.76 10.63
CA GLY A 123 -15.08 -0.52 10.78
C GLY A 123 -15.87 -0.74 9.51
N PRO A 124 -16.78 0.16 9.17
CA PRO A 124 -17.63 -0.06 7.99
C PRO A 124 -16.90 -0.14 6.65
N LEU A 125 -15.61 0.06 6.58
CA LEU A 125 -14.80 -0.06 5.37
C LEU A 125 -14.25 -1.47 5.18
N THR A 126 -14.37 -2.29 6.19
CA THR A 126 -13.72 -3.60 6.21
C THR A 126 -14.04 -4.46 4.97
N ASP A 127 -15.33 -4.63 4.68
CA ASP A 127 -15.68 -5.55 3.60
C ASP A 127 -15.28 -5.01 2.24
N LEU A 128 -15.26 -3.69 2.02
CA LEU A 128 -14.77 -3.15 0.76
C LEU A 128 -13.29 -3.42 0.63
N VAL A 129 -12.51 -3.30 1.70
CA VAL A 129 -11.08 -3.58 1.58
C VAL A 129 -10.86 -5.05 1.30
N PHE A 130 -11.57 -5.94 1.99
CA PHE A 130 -11.44 -7.36 1.68
C PHE A 130 -11.88 -7.68 0.26
N ALA A 131 -12.91 -7.03 -0.28
CA ALA A 131 -13.30 -7.26 -1.67
C ALA A 131 -12.21 -6.82 -2.64
N PHE A 132 -11.55 -5.69 -2.36
CA PHE A 132 -10.41 -5.26 -3.20
C PHE A 132 -9.35 -6.37 -3.15
N ALA A 133 -9.04 -6.86 -1.96
CA ALA A 133 -8.02 -7.91 -1.83
C ALA A 133 -8.41 -9.14 -2.63
N GLY A 134 -9.70 -9.51 -2.55
CA GLY A 134 -10.16 -10.67 -3.29
C GLY A 134 -9.99 -10.50 -4.80
N GLN A 135 -10.24 -9.28 -5.30
CA GLN A 135 -10.16 -9.04 -6.75
C GLN A 135 -8.75 -8.75 -7.20
N LEU A 136 -7.84 -8.61 -6.24
CA LEU A 136 -6.41 -8.56 -6.59
C LEU A 136 -5.86 -9.97 -6.88
N LEU A 137 -6.38 -10.97 -6.16
CA LEU A 137 -5.86 -12.32 -6.30
C LEU A 137 -5.81 -12.87 -7.71
N PRO A 138 -6.82 -12.73 -8.56
CA PRO A 138 -6.71 -13.31 -9.90
C PRO A 138 -5.61 -12.69 -10.74
N LEU A 139 -5.10 -11.50 -10.35
CA LEU A 139 -3.96 -11.02 -11.12
C LEU A 139 -2.67 -11.75 -10.78
N GLU A 140 -2.55 -12.47 -9.69
CA GLU A 140 -1.43 -13.29 -9.30
C GLU A 140 -0.14 -12.49 -9.48
N MET A 141 -0.14 -11.24 -9.00
CA MET A 141 1.04 -10.38 -9.10
C MET A 141 2.14 -10.94 -8.26
N ASP A 142 3.37 -10.75 -8.73
CA ASP A 142 4.54 -11.11 -7.91
C ASP A 142 5.07 -9.84 -7.21
N ASP A 143 6.15 -10.04 -6.46
CA ASP A 143 6.67 -8.93 -5.64
C ASP A 143 7.23 -7.81 -6.51
N THR A 144 7.87 -8.16 -7.61
CA THR A 144 8.38 -7.16 -8.53
C THR A 144 7.25 -6.29 -9.08
N GLU A 145 6.15 -6.89 -9.51
CA GLU A 145 5.01 -6.15 -10.03
C GLU A 145 4.37 -5.31 -8.92
N THR A 146 4.23 -5.80 -7.71
CA THR A 146 3.68 -5.01 -6.61
C THR A 146 4.58 -3.80 -6.34
N GLY A 147 5.90 -4.02 -6.33
CA GLY A 147 6.82 -2.92 -6.09
C GLY A 147 6.72 -1.86 -7.18
N LEU A 148 6.76 -2.28 -8.44
CA LEU A 148 6.58 -1.33 -9.54
C LEU A 148 5.26 -0.59 -9.50
N LEU A 149 4.17 -1.32 -9.23
CA LEU A 149 2.89 -0.64 -9.15
C LEU A 149 2.87 0.40 -8.04
N SER A 150 3.45 0.04 -6.88
CA SER A 150 3.59 0.98 -5.78
C SER A 150 4.34 2.24 -6.18
N ALA A 151 5.44 2.08 -6.91
CA ALA A 151 6.23 3.19 -7.36
C ALA A 151 5.45 4.08 -8.32
N ILE A 152 4.66 3.48 -9.20
CA ILE A 152 3.79 4.22 -10.14
C ILE A 152 2.73 5.01 -9.41
N CYS A 153 2.15 4.42 -8.38
CA CYS A 153 1.15 5.09 -7.52
CA CYS A 153 1.17 5.09 -7.53
C CYS A 153 1.75 6.36 -6.90
C CYS A 153 1.70 6.29 -6.78
N LEU A 154 2.97 6.22 -6.38
CA LEU A 154 3.65 7.31 -5.68
C LEU A 154 4.13 8.41 -6.61
N ILE A 155 4.82 8.01 -7.69
CA ILE A 155 5.50 8.98 -8.57
C ILE A 155 4.52 9.33 -9.68
N CYS A 156 3.65 10.30 -9.37
CA CYS A 156 2.61 10.71 -10.34
C CYS A 156 2.44 12.21 -10.29
N GLY A 157 2.47 12.78 -11.47
CA GLY A 157 2.52 14.22 -11.65
C GLY A 157 1.24 14.99 -11.49
N ASP A 158 0.12 14.32 -11.21
CA ASP A 158 -1.16 15.01 -11.09
C ASP A 158 -1.44 15.52 -9.67
N ARG A 159 -0.56 15.22 -8.74
CA ARG A 159 -0.85 15.53 -7.34
C ARG A 159 -0.86 17.04 -7.21
N MET A 160 -1.83 17.48 -6.42
CA MET A 160 -1.92 18.91 -6.17
C MET A 160 -0.72 19.40 -5.39
N ASP A 161 -0.33 20.60 -5.74
CA ASP A 161 0.71 21.37 -5.08
C ASP A 161 2.11 20.89 -5.42
N LEU A 162 2.29 20.06 -6.45
CA LEU A 162 3.66 19.77 -6.86
C LEU A 162 4.30 21.01 -7.45
N GLU A 163 5.58 21.23 -7.11
CA GLU A 163 6.40 22.27 -7.68
C GLU A 163 6.80 21.97 -9.11
N GLU A 164 7.17 20.70 -9.31
CA GLU A 164 7.73 20.32 -10.61
C GLU A 164 7.07 19.08 -11.17
N PRO A 165 5.81 19.24 -11.51
CA PRO A 165 5.02 18.07 -11.99
C PRO A 165 5.64 17.46 -13.24
N GLU A 166 6.24 18.23 -14.14
CA GLU A 166 6.84 17.62 -15.32
C GLU A 166 8.00 16.71 -15.01
N LYS A 167 8.76 17.11 -14.00
CA LYS A 167 9.87 16.29 -13.55
C LYS A 167 9.36 14.98 -12.99
N VAL A 168 8.29 14.99 -12.21
CA VAL A 168 7.64 13.81 -11.64
C VAL A 168 7.13 12.91 -12.76
N ASP A 169 6.41 13.51 -13.75
CA ASP A 169 6.01 12.76 -14.93
C ASP A 169 7.17 12.01 -15.60
N LYS A 170 8.30 12.70 -15.71
CA LYS A 170 9.42 12.04 -16.43
C LYS A 170 10.01 10.90 -15.63
N LEU A 171 9.97 11.02 -14.29
CA LEU A 171 10.38 9.90 -13.48
C LEU A 171 9.44 8.70 -13.54
N GLN A 172 8.16 8.97 -13.75
CA GLN A 172 7.19 7.87 -13.83
C GLN A 172 7.35 7.08 -15.12
N GLU A 173 7.75 7.76 -16.19
CA GLU A 173 7.74 7.06 -17.50
C GLU A 173 8.47 5.72 -17.48
N PRO A 174 9.71 5.66 -17.03
CA PRO A 174 10.41 4.36 -17.04
C PRO A 174 9.81 3.32 -16.13
N LEU A 175 9.14 3.71 -15.05
CA LEU A 175 8.46 2.74 -14.21
C LEU A 175 7.32 2.07 -14.93
N LEU A 176 6.55 2.86 -15.71
CA LEU A 176 5.48 2.29 -16.53
C LEU A 176 6.02 1.35 -17.60
N GLU A 177 7.09 1.76 -18.29
CA GLU A 177 7.75 0.93 -19.26
C GLU A 177 8.24 -0.38 -18.63
N ALA A 178 8.86 -0.24 -17.46
CA ALA A 178 9.42 -1.40 -16.76
C ALA A 178 8.30 -2.38 -16.40
N LEU A 179 7.18 -1.91 -15.88
CA LEU A 179 6.12 -2.82 -15.45
C LEU A 179 5.54 -3.57 -16.65
N ARG A 180 5.32 -2.86 -17.77
CA ARG A 180 4.77 -3.54 -18.91
C ARG A 180 5.75 -4.60 -19.43
N LEU A 181 7.03 -4.23 -19.56
CA LEU A 181 8.05 -5.15 -20.03
C LEU A 181 8.09 -6.42 -19.16
N TYR A 182 8.14 -6.18 -17.87
CA TYR A 182 8.28 -7.30 -16.92
C TYR A 182 7.05 -8.17 -16.98
N ALA A 183 5.85 -7.55 -16.96
CA ALA A 183 4.63 -8.32 -16.81
C ALA A 183 4.42 -9.18 -18.04
N ARG A 184 4.69 -8.61 -19.22
CA ARG A 184 4.50 -9.36 -20.48
C ARG A 184 5.52 -10.49 -20.62
N ARG A 185 6.75 -10.24 -20.20
CA ARG A 185 7.78 -11.27 -20.23
C ARG A 185 7.43 -12.41 -19.31
N ARG A 186 6.88 -12.10 -18.14
CA ARG A 186 6.63 -13.17 -17.17
C ARG A 186 5.44 -14.02 -17.59
N ARG A 187 4.42 -13.38 -18.18
CA ARG A 187 3.20 -14.08 -18.58
C ARG A 187 2.69 -13.64 -19.93
N PRO A 188 3.41 -14.10 -20.96
CA PRO A 188 3.08 -13.59 -22.28
C PRO A 188 1.73 -14.03 -22.80
N SER A 189 1.16 -15.10 -22.27
CA SER A 189 -0.17 -15.49 -22.72
C SER A 189 -1.30 -14.72 -22.04
N GLN A 190 -1.01 -13.75 -21.18
CA GLN A 190 -2.00 -12.94 -20.48
C GLN A 190 -1.75 -11.45 -20.66
N PRO A 191 -1.95 -10.98 -21.89
CA PRO A 191 -1.59 -9.62 -22.22
C PRO A 191 -2.49 -8.58 -21.59
N TYR A 192 -3.56 -8.90 -20.94
CA TYR A 192 -4.35 -7.87 -20.25
C TYR A 192 -3.86 -7.63 -18.83
N MET A 193 -2.77 -8.32 -18.43
CA MET A 193 -2.34 -8.10 -17.04
C MET A 193 -1.84 -6.70 -16.81
N PHE A 194 -0.99 -6.13 -17.70
CA PHE A 194 -0.56 -4.74 -17.45
C PHE A 194 -1.70 -3.78 -17.39
N PRO A 195 -2.64 -3.70 -18.32
CA PRO A 195 -3.73 -2.70 -18.17
C PRO A 195 -4.57 -3.00 -16.93
N ARG A 196 -4.79 -4.27 -16.58
CA ARG A 196 -5.52 -4.53 -15.35
C ARG A 196 -4.81 -3.98 -14.15
N MET A 197 -3.49 -4.18 -14.07
CA MET A 197 -2.72 -3.62 -12.95
C MET A 197 -2.86 -2.11 -12.89
N LEU A 198 -2.75 -1.42 -14.03
CA LEU A 198 -2.89 0.06 -13.95
C LEU A 198 -4.26 0.47 -13.51
N MET A 199 -5.30 -0.24 -13.90
CA MET A 199 -6.65 0.13 -13.42
C MET A 199 -6.83 -0.14 -11.94
C MET A 199 -6.75 -0.07 -11.91
N LYS A 200 -5.99 -0.96 -11.30
CA LYS A 200 -6.06 -1.06 -9.82
C LYS A 200 -5.65 0.24 -9.16
N ILE A 201 -4.86 1.07 -9.84
CA ILE A 201 -4.52 2.33 -9.17
C ILE A 201 -5.72 3.21 -8.87
N THR A 202 -6.68 3.27 -9.81
CA THR A 202 -7.92 3.98 -9.64
C THR A 202 -8.74 3.42 -8.48
N ASP A 203 -8.75 2.06 -8.42
CA ASP A 203 -9.45 1.40 -7.33
C ASP A 203 -8.84 1.78 -5.99
N LEU A 204 -7.51 1.78 -5.93
CA LEU A 204 -6.81 2.15 -4.72
C LEU A 204 -7.10 3.57 -4.31
N ARG A 205 -7.15 4.46 -5.30
CA ARG A 205 -7.43 5.85 -4.93
C ARG A 205 -8.81 5.95 -4.32
N GLY A 206 -9.78 5.16 -4.84
CA GLY A 206 -11.15 5.22 -4.31
C GLY A 206 -11.15 4.72 -2.88
N ILE A 207 -10.42 3.62 -2.66
CA ILE A 207 -10.47 3.02 -1.31
C ILE A 207 -9.69 3.86 -0.33
N SER A 208 -8.65 4.51 -0.81
CA SER A 208 -7.94 5.44 0.10
C SER A 208 -8.78 6.66 0.43
N THR A 209 -9.55 7.17 -0.51
CA THR A 209 -10.52 8.22 -0.23
C THR A 209 -11.45 7.77 0.87
N LYS A 210 -12.02 6.57 0.77
CA LYS A 210 -12.90 6.03 1.81
C LYS A 210 -12.16 5.84 3.11
N GLY A 211 -10.89 5.43 3.09
CA GLY A 211 -10.08 5.31 4.30
C GLY A 211 -9.86 6.63 4.99
N ALA A 212 -9.66 7.68 4.22
CA ALA A 212 -9.54 9.01 4.84
C ALA A 212 -10.86 9.42 5.50
N GLU A 213 -12.00 9.10 4.88
CA GLU A 213 -13.29 9.40 5.52
C GLU A 213 -13.46 8.61 6.80
N ARG A 214 -13.02 7.34 6.81
CA ARG A 214 -13.09 6.51 8.02
C ARG A 214 -12.19 7.08 9.12
N ALA A 215 -11.03 7.66 8.75
CA ALA A 215 -10.13 8.26 9.74
C ALA A 215 -10.90 9.37 10.49
N ILE A 216 -11.71 10.17 9.85
CA ILE A 216 -12.47 11.22 10.51
C ILE A 216 -13.42 10.68 11.55
N THR A 217 -14.14 9.59 11.23
CA THR A 217 -15.06 9.03 12.24
C THR A 217 -14.33 8.27 13.33
N LEU A 218 -13.21 7.64 13.00
CA LEU A 218 -12.44 6.86 13.97
C LEU A 218 -11.90 7.78 15.04
N LYS A 219 -11.57 9.01 14.61
CA LYS A 219 -10.98 9.94 15.57
C LYS A 219 -11.95 10.19 16.71
N MET A 220 -13.25 10.05 16.45
CA MET A 220 -14.26 10.33 17.49
C MET A 220 -14.37 9.14 18.44
N GLU A 221 -13.78 7.99 18.11
CA GLU A 221 -13.90 6.74 18.83
C GLU A 221 -12.65 6.38 19.63
N ILE A 222 -11.53 7.07 19.40
CA ILE A 222 -10.32 6.68 20.13
C ILE A 222 -10.04 7.64 21.27
N PRO A 223 -9.44 7.18 22.36
CA PRO A 223 -9.11 8.06 23.49
C PRO A 223 -8.06 9.13 23.27
N GLY A 224 -7.26 9.11 22.25
CA GLY A 224 -6.41 10.32 22.12
C GLY A 224 -6.25 10.65 20.65
N PRO A 225 -5.26 11.48 20.30
CA PRO A 225 -4.95 11.73 18.90
C PRO A 225 -4.33 10.51 18.22
N MET A 226 -4.50 10.53 16.90
CA MET A 226 -3.83 9.50 16.13
C MET A 226 -2.34 9.74 16.14
N PRO A 227 -1.58 8.68 15.91
CA PRO A 227 -0.12 8.86 15.85
C PRO A 227 0.30 9.91 14.82
N PRO A 228 1.40 10.62 15.13
CA PRO A 228 1.78 11.77 14.33
C PRO A 228 2.10 11.49 12.87
N LEU A 229 2.73 10.38 12.53
CA LEU A 229 2.96 10.11 11.11
C LEU A 229 1.66 9.75 10.37
N ILE A 230 0.67 9.19 11.05
CA ILE A 230 -0.66 8.99 10.47
C ILE A 230 -1.30 10.32 10.20
N ARG A 231 -1.19 11.28 11.17
CA ARG A 231 -1.75 12.61 10.92
C ARG A 231 -1.07 13.32 9.77
N GLU A 232 0.23 13.18 9.61
CA GLU A 232 0.91 13.71 8.44
C GLU A 232 0.36 13.16 7.18
N MET A 233 0.09 11.88 7.11
CA MET A 233 -0.47 11.25 5.93
C MET A 233 -1.86 11.77 5.57
N LEU A 234 -2.66 12.03 6.61
CA LEU A 234 -4.04 12.45 6.43
C LEU A 234 -4.21 13.88 6.05
N GLU A 235 -3.21 14.73 6.31
CA GLU A 235 -3.29 16.13 5.90
C GLU A 235 -2.82 16.28 4.45
C1 254 B . 2.37 -3.92 7.62
C2 254 B . 1.19 -3.11 7.24
C3 254 B . 0.86 -3.06 5.85
C4 254 B . -0.24 -2.32 5.46
C5 254 B . -1.03 -1.61 6.38
C10 254 B . -0.68 -1.67 7.76
C11 254 B . 0.42 -2.41 8.17
C15 254 B . -6.46 3.06 8.19
C16 254 B . -7.97 3.22 8.37
C17 254 B . -8.32 4.61 8.92
C18 254 B . -7.42 5.08 10.01
C19 254 B . -5.95 5.21 9.56
C20 254 B . -5.55 3.98 8.75
C23 254 B . -8.50 2.13 9.28
C24 254 B . -8.64 3.11 6.98
C25 254 B . -5.18 5.20 10.89
C26 254 B . -5.61 6.49 8.80
O1 254 B . 3.10 -4.38 6.76
O2 254 B . 2.55 -4.09 8.87
C6 254 B . -2.16 -0.86 5.96
C6 254 B . -2.15 -0.86 5.99
C7 254 B . -2.95 -0.14 6.85
C7 254 B . -2.89 -0.18 6.95
C8 254 B . -2.55 -0.25 8.20
C8 254 B . -2.51 -0.27 8.30
C9 254 B . -1.48 -0.95 8.68
C9 254 B . -1.44 -0.97 8.73
C13 254 B . -4.54 1.82 7.30
C13 254 B . -4.63 1.73 7.25
C14 254 B . -5.95 2.00 7.47
C14 254 B . -6.00 1.96 7.46
C21 254 B . -4.18 3.79 8.55
C21 254 B . -4.19 3.74 8.53
C22 254 B . -3.69 2.76 7.85
C22 254 B . -3.78 2.67 7.81
C12 254 B . -4.16 0.68 6.52
C12 254 B . -4.08 0.62 6.51
N1 254 B . -4.97 0.38 5.49
N1 254 B . -4.59 0.22 5.36
O3 254 B . -4.69 -0.69 4.72
O3 254 B . -5.65 0.86 4.89
C1B LMU C . 14.59 2.98 11.26
C2B LMU C . 14.81 2.07 10.05
C3B LMU C . 13.46 1.58 9.52
C4B LMU C . 12.82 0.85 10.71
C5B LMU C . 12.63 1.82 11.89
C6B LMU C . 12.14 1.06 13.15
O1B LMU C . 13.89 4.18 10.94
O2B LMU C . 15.52 2.77 9.05
O3B LMU C . 13.70 0.66 8.45
O4' LMU C . 11.63 0.38 10.21
O5B LMU C . 13.95 2.26 12.27
O6B LMU C . 11.85 2.09 14.05
C1' LMU C . 14.82 8.13 10.78
C2' LMU C . 15.99 7.22 10.44
C3' LMU C . 15.42 5.83 10.34
C4' LMU C . 14.50 5.36 11.47
C5' LMU C . 13.43 6.42 11.83
C6' LMU C . 12.65 6.24 13.13
O1' LMU C . 14.00 8.23 9.66
O2' LMU C . 16.46 7.63 9.14
O3' LMU C . 16.41 4.91 10.01
O5' LMU C . 14.10 7.64 11.90
O6' LMU C . 13.54 6.36 14.29
C1 LMU C . 12.99 9.18 10.00
C2 LMU C . 11.75 8.81 9.19
C3 LMU C . 11.37 9.86 8.18
C4 LMU C . 9.87 9.75 7.91
C5 LMU C . 9.30 10.98 7.26
C6 LMU C . 7.80 11.00 7.11
C7 LMU C . 7.31 12.29 6.48
C8 LMU C . 6.77 12.10 5.06
C9 LMU C . 5.25 12.14 5.13
C10 LMU C . 4.67 10.97 5.90
C11 LMU C . 3.18 10.86 5.53
C12 LMU C . 3.03 10.02 4.28
#